data_2AC1
#
_entry.id   2AC1
#
_cell.length_a   112.930
_cell.length_b   162.890
_cell.length_c   74.190
_cell.angle_alpha   90.00
_cell.angle_beta   90.00
_cell.angle_gamma   90.00
#
_symmetry.space_group_name_H-M   'C 2 2 21'
#
loop_
_entity.id
_entity.type
_entity.pdbx_description
1 polymer invertase
2 branched alpha-D-mannopyranose-(1-2)-alpha-D-mannopyranose-(1-3)-[alpha-D-mannopyranose-(1-3)-alpha-D-mannopyranose-(1-6)]alpha-D-mannopyranose-(1-4)-2-acetamido-2-deoxy-beta-D-glucopyranose-(1-4)-2-acetamido-2-deoxy-beta-D-glucopyranose
3 branched 2-acetamido-2-deoxy-beta-D-glucopyranose-(1-4)-2-acetamido-2-deoxy-beta-D-glucopyranose
4 non-polymer 2-acetamido-2-deoxy-beta-D-glucopyranose
5 non-polymer GLYCEROL
6 water water
#
_entity_poly.entity_id   1
_entity_poly.type   'polypeptide(L)'
_entity_poly.pdbx_seq_one_letter_code
;SPSVNQPYRTGFHFQPPKNWMNDPNGPMIYKGIYHLFYQWNPKGAVWGNIVWAHSTSTDLINWDPHPPAIFPSAPFDING
CWSGSATILPNGKPVILYTGIDPKNQQVQNIAEPKNLSDPYLREWKKSPLNPLMAPDAVNGINASSFRDPTTAWLGQDKK
WRVIIGSKIHRRGLAITYTSKDFLKWEKSPEPLHYDDGSGMWECPDFFPVTRFGSNGVETSSFGEPNEILKHVLKISLDD
TKHDYYTIGTYDRVKDKFVPDNGFKMDGTAPRYDYGKYYASKTFFDSAKNRRILWGWTNESSSVEDDVEKGWSGIQTIPR
KIWLDRSGKQLIQWPVREVERLRTKQVKNLRNKVLKSGSRLEVYGVTAAQADVEVLFKVRDLEKADVIEPSWTDPQLICS
KMNVSVKSGLGPFGLMVLASKNLEEYTSVYFRIFKARQNSNKYVVLMCSDQSRSSLKEDNDKTTYGAFVDINPHQPLSLR
ALIDHSVVESFGGKGRACITSRVYPKLAIGKSSHLFAFNYGYQSVDVLNLNAWSMNSAQIS
;
_entity_poly.pdbx_strand_id   A
#
# COMPACT_ATOMS: atom_id res chain seq x y z
N ASN A 5 -27.42 5.97 -4.54
CA ASN A 5 -27.43 5.75 -3.06
C ASN A 5 -26.00 5.77 -2.49
N GLN A 6 -25.19 4.80 -2.91
CA GLN A 6 -23.81 4.71 -2.45
C GLN A 6 -22.92 4.60 -3.68
N PRO A 7 -22.88 5.66 -4.50
CA PRO A 7 -22.07 5.72 -5.73
C PRO A 7 -20.57 5.51 -5.52
N TYR A 8 -20.07 5.81 -4.33
CA TYR A 8 -18.64 5.70 -4.08
C TYR A 8 -18.16 4.44 -3.37
N ARG A 9 -19.07 3.57 -2.98
CA ARG A 9 -18.68 2.34 -2.30
C ARG A 9 -18.08 1.44 -3.38
N THR A 10 -17.00 0.73 -3.03
CA THR A 10 -16.34 -0.14 -3.98
C THR A 10 -17.04 -1.49 -4.15
N GLY A 11 -16.89 -2.07 -5.32
CA GLY A 11 -17.52 -3.36 -5.57
C GLY A 11 -16.61 -4.54 -5.29
N PHE A 12 -15.29 -4.32 -5.27
CA PHE A 12 -14.38 -5.43 -5.02
C PHE A 12 -13.18 -5.11 -4.14
N HIS A 13 -13.24 -3.98 -3.44
CA HIS A 13 -12.17 -3.60 -2.52
C HIS A 13 -12.68 -3.88 -1.12
N PHE A 14 -11.77 -4.22 -0.21
CA PHE A 14 -12.18 -4.49 1.14
C PHE A 14 -12.52 -3.22 1.87
N GLN A 15 -13.66 -3.25 2.58
CA GLN A 15 -14.17 -2.15 3.39
C GLN A 15 -15.36 -2.71 4.16
N PRO A 16 -15.60 -2.22 5.39
CA PRO A 16 -16.72 -2.69 6.22
C PRO A 16 -18.03 -2.23 5.60
N PRO A 17 -19.16 -2.80 6.05
CA PRO A 17 -20.48 -2.43 5.53
C PRO A 17 -20.75 -0.95 5.85
N LYS A 18 -20.04 -0.42 6.83
CA LYS A 18 -20.18 0.97 7.26
C LYS A 18 -19.09 1.38 8.23
N ASN A 19 -19.12 2.67 8.58
CA ASN A 19 -18.21 3.26 9.54
C ASN A 19 -16.75 3.44 9.14
N TRP A 20 -15.99 4.03 10.04
CA TRP A 20 -14.58 4.31 9.83
C TRP A 20 -13.63 3.13 9.97
N MET A 21 -12.69 3.04 9.02
CA MET A 21 -11.67 2.00 9.04
C MET A 21 -10.32 2.60 8.72
N ASN A 22 -9.28 2.19 9.44
CA ASN A 22 -7.95 2.64 9.06
C ASN A 22 -6.96 1.48 8.96
N ASP A 23 -5.79 1.58 9.59
CA ASP A 23 -4.77 0.52 9.48
C ASP A 23 -5.20 -0.94 9.40
N PRO A 24 -4.60 -1.70 8.49
CA PRO A 24 -4.93 -3.13 8.38
C PRO A 24 -4.13 -3.71 9.55
N ASN A 25 -4.66 -4.71 10.23
CA ASN A 25 -4.00 -5.30 11.38
C ASN A 25 -3.84 -6.81 11.34
N GLY A 26 -2.77 -7.29 11.95
CA GLY A 26 -2.47 -8.71 12.02
C GLY A 26 -2.77 -9.58 10.82
N PRO A 27 -2.39 -9.16 9.61
CA PRO A 27 -2.66 -10.00 8.43
C PRO A 27 -1.95 -11.34 8.64
N MET A 28 -2.62 -12.43 8.30
CA MET A 28 -2.02 -13.74 8.50
C MET A 28 -2.77 -14.83 7.76
N ILE A 29 -2.20 -16.03 7.80
CA ILE A 29 -2.77 -17.23 7.19
C ILE A 29 -2.69 -18.34 8.24
N TYR A 30 -3.80 -19.04 8.47
CA TYR A 30 -3.84 -20.12 9.44
C TYR A 30 -4.83 -21.18 8.96
N LYS A 31 -4.38 -22.43 8.93
CA LYS A 31 -5.23 -23.54 8.48
C LYS A 31 -5.85 -23.26 7.12
N GLY A 32 -5.07 -22.69 6.22
CA GLY A 32 -5.55 -22.40 4.89
C GLY A 32 -6.54 -21.24 4.78
N ILE A 33 -6.70 -20.50 5.85
CA ILE A 33 -7.62 -19.40 5.85
C ILE A 33 -6.91 -18.07 6.09
N TYR A 34 -7.10 -17.13 5.17
CA TYR A 34 -6.49 -15.82 5.28
C TYR A 34 -7.28 -14.97 6.27
N HIS A 35 -6.56 -14.23 7.12
CA HIS A 35 -7.20 -13.37 8.09
C HIS A 35 -6.80 -11.91 7.92
N LEU A 36 -7.78 -11.02 8.03
CA LEU A 36 -7.55 -9.59 7.95
C LEU A 36 -8.24 -8.94 9.14
N PHE A 37 -7.48 -8.18 9.92
CA PHE A 37 -8.01 -7.44 11.06
C PHE A 37 -7.81 -5.98 10.65
N TYR A 38 -8.57 -5.07 11.23
CA TYR A 38 -8.40 -3.68 10.86
C TYR A 38 -8.99 -2.73 11.89
N GLN A 39 -8.35 -1.56 12.04
CA GLN A 39 -8.80 -0.54 12.98
C GLN A 39 -10.19 -0.10 12.52
N TRP A 40 -11.18 -0.29 13.39
CA TRP A 40 -12.54 0.07 13.03
C TRP A 40 -13.25 0.81 14.16
N ASN A 41 -14.14 1.72 13.78
CA ASN A 41 -14.93 2.48 14.75
C ASN A 41 -16.34 1.93 14.68
N PRO A 42 -16.76 1.18 15.71
CA PRO A 42 -18.10 0.58 15.75
C PRO A 42 -19.27 1.56 15.68
N LYS A 43 -19.02 2.83 15.93
CA LYS A 43 -20.15 3.75 15.89
C LYS A 43 -19.90 5.12 15.28
N GLY A 44 -19.06 5.19 14.27
CA GLY A 44 -18.79 6.46 13.63
C GLY A 44 -18.04 6.35 12.33
N ALA A 45 -18.16 7.40 11.52
CA ALA A 45 -17.50 7.47 10.23
C ALA A 45 -16.19 8.29 10.35
N VAL A 46 -15.79 8.57 11.57
CA VAL A 46 -14.54 9.28 11.81
C VAL A 46 -13.74 8.41 12.77
N TRP A 47 -12.45 8.67 12.93
CA TRP A 47 -11.62 7.87 13.83
C TRP A 47 -12.15 7.95 15.26
N GLY A 48 -12.17 6.82 15.96
CA GLY A 48 -12.64 6.80 17.33
C GLY A 48 -13.09 5.42 17.78
N ASN A 49 -13.15 5.20 19.09
CA ASN A 49 -13.59 3.92 19.65
C ASN A 49 -12.94 2.77 18.93
N ILE A 50 -11.72 3.00 18.46
CA ILE A 50 -11.00 2.02 17.68
C ILE A 50 -10.86 0.62 18.27
N VAL A 51 -11.22 -0.37 17.47
CA VAL A 51 -11.11 -1.76 17.87
C VAL A 51 -10.57 -2.52 16.68
N TRP A 52 -10.26 -3.80 16.88
CA TRP A 52 -9.77 -4.65 15.81
C TRP A 52 -10.96 -5.42 15.24
N ALA A 53 -11.42 -5.03 14.06
CA ALA A 53 -12.52 -5.74 13.42
C ALA A 53 -11.89 -6.96 12.76
N HIS A 54 -12.70 -7.93 12.37
CA HIS A 54 -12.16 -9.17 11.82
C HIS A 54 -12.92 -9.73 10.64
N SER A 55 -12.18 -10.25 9.67
CA SER A 55 -12.75 -10.88 8.48
C SER A 55 -11.82 -11.99 8.01
N THR A 56 -12.39 -13.01 7.38
CA THR A 56 -11.60 -14.13 6.87
C THR A 56 -11.90 -14.43 5.41
N SER A 57 -10.93 -15.04 4.74
CA SER A 57 -11.06 -15.32 3.32
C SER A 57 -10.23 -16.52 2.89
N THR A 58 -10.58 -17.11 1.74
CA THR A 58 -9.80 -18.23 1.22
C THR A 58 -9.09 -17.85 -0.07
N ASP A 59 -9.36 -16.64 -0.56
CA ASP A 59 -8.74 -16.16 -1.81
C ASP A 59 -8.23 -14.72 -1.74
N LEU A 60 -8.31 -14.09 -0.57
CA LEU A 60 -7.88 -12.71 -0.35
C LEU A 60 -8.73 -11.68 -1.12
N ILE A 61 -9.84 -12.12 -1.70
CA ILE A 61 -10.73 -11.25 -2.46
C ILE A 61 -12.16 -11.18 -1.89
N ASN A 62 -12.68 -12.35 -1.53
CA ASN A 62 -14.03 -12.48 -0.94
C ASN A 62 -13.84 -12.64 0.56
N TRP A 63 -14.48 -11.76 1.36
CA TRP A 63 -14.34 -11.78 2.82
C TRP A 63 -15.62 -12.01 3.61
N ASP A 64 -15.50 -12.81 4.67
CA ASP A 64 -16.61 -13.13 5.55
C ASP A 64 -16.44 -12.45 6.89
N PRO A 65 -17.51 -11.81 7.39
CA PRO A 65 -17.54 -11.08 8.66
C PRO A 65 -17.34 -11.95 9.88
N HIS A 66 -16.92 -11.28 10.96
CA HIS A 66 -16.69 -11.92 12.25
C HIS A 66 -16.74 -10.82 13.31
N PRO A 67 -17.04 -11.18 14.55
CA PRO A 67 -17.10 -10.17 15.61
C PRO A 67 -15.73 -9.57 15.90
N PRO A 68 -15.69 -8.31 16.38
CA PRO A 68 -14.41 -7.67 16.71
C PRO A 68 -13.57 -8.63 17.56
N ALA A 69 -12.34 -8.88 17.15
CA ALA A 69 -11.46 -9.82 17.88
C ALA A 69 -10.78 -9.20 19.08
N ILE A 70 -10.41 -7.93 18.99
CA ILE A 70 -9.75 -7.27 20.10
C ILE A 70 -10.42 -5.90 20.31
N PHE A 71 -10.82 -5.63 21.55
CA PHE A 71 -11.47 -4.38 21.90
C PHE A 71 -11.23 -4.11 23.39
N PRO A 72 -11.23 -2.83 23.80
CA PRO A 72 -11.00 -2.41 25.19
C PRO A 72 -11.80 -3.21 26.20
N SER A 73 -11.09 -3.78 27.18
CA SER A 73 -11.71 -4.60 28.22
C SER A 73 -10.84 -4.74 29.46
N ALA A 74 -9.64 -4.17 29.42
CA ALA A 74 -8.76 -4.27 30.56
C ALA A 74 -7.96 -2.99 30.68
N PRO A 75 -7.28 -2.78 31.82
CA PRO A 75 -6.48 -1.57 32.01
C PRO A 75 -5.40 -1.34 30.96
N PHE A 76 -4.78 -2.42 30.49
CA PHE A 76 -3.73 -2.28 29.51
C PHE A 76 -4.21 -1.88 28.11
N ASP A 77 -5.52 -1.84 27.89
CA ASP A 77 -6.03 -1.37 26.61
C ASP A 77 -7.38 -0.70 26.81
N ILE A 78 -7.57 -0.15 28.01
CA ILE A 78 -8.83 0.50 28.32
C ILE A 78 -9.21 1.67 27.41
N ASN A 79 -8.21 2.43 26.97
CA ASN A 79 -8.48 3.57 26.10
C ASN A 79 -8.27 3.33 24.61
N GLY A 80 -8.14 2.07 24.21
CA GLY A 80 -7.98 1.78 22.80
C GLY A 80 -7.11 0.60 22.43
N CYS A 81 -7.46 -0.06 21.33
CA CYS A 81 -6.68 -1.19 20.86
C CYS A 81 -6.16 -0.79 19.48
N TRP A 82 -4.96 -0.23 19.47
CA TRP A 82 -4.34 0.23 18.24
C TRP A 82 -3.70 -0.90 17.45
N SER A 83 -3.07 -0.54 16.34
CA SER A 83 -2.45 -1.49 15.42
C SER A 83 -1.40 -2.45 15.95
N GLY A 84 -1.24 -3.55 15.22
CA GLY A 84 -0.28 -4.56 15.60
C GLY A 84 -0.17 -5.60 14.52
N SER A 85 0.57 -6.67 14.82
CA SER A 85 0.81 -7.73 13.86
C SER A 85 0.65 -9.14 14.42
N ALA A 86 0.46 -10.11 13.53
CA ALA A 86 0.31 -11.49 13.95
C ALA A 86 1.60 -12.27 13.64
N THR A 87 2.01 -13.12 14.58
CA THR A 87 3.21 -13.94 14.39
C THR A 87 2.81 -15.40 14.54
N ILE A 88 3.31 -16.24 13.65
CA ILE A 88 2.99 -17.67 13.71
C ILE A 88 4.18 -18.33 14.42
N LEU A 89 3.96 -18.81 15.65
CA LEU A 89 5.03 -19.45 16.41
C LEU A 89 5.42 -20.79 15.78
N PRO A 90 6.64 -21.30 16.09
CA PRO A 90 7.12 -22.57 15.53
C PRO A 90 6.14 -23.75 15.66
N ASN A 91 5.44 -23.83 16.78
CA ASN A 91 4.47 -24.89 17.02
C ASN A 91 3.19 -24.66 16.24
N GLY A 92 3.23 -23.70 15.32
CA GLY A 92 2.07 -23.40 14.51
C GLY A 92 1.01 -22.53 15.16
N LYS A 93 1.24 -22.09 16.39
CA LYS A 93 0.26 -21.24 17.06
C LYS A 93 0.41 -19.77 16.70
N PRO A 94 -0.68 -19.13 16.27
CA PRO A 94 -0.60 -17.71 15.91
C PRO A 94 -0.81 -16.81 17.13
N VAL A 95 -0.05 -15.74 17.23
CA VAL A 95 -0.24 -14.82 18.35
C VAL A 95 -0.26 -13.41 17.78
N ILE A 96 -0.86 -12.49 18.53
CA ILE A 96 -0.96 -11.09 18.12
C ILE A 96 -0.35 -10.13 19.14
N LEU A 97 0.43 -9.16 18.65
CA LEU A 97 1.03 -8.14 19.49
C LEU A 97 0.39 -6.84 19.02
N TYR A 98 -0.29 -6.14 19.92
CA TYR A 98 -0.93 -4.89 19.53
C TYR A 98 -0.67 -3.82 20.57
N THR A 99 -0.82 -2.56 20.16
CA THR A 99 -0.61 -1.44 21.06
C THR A 99 -1.93 -1.05 21.72
N GLY A 100 -1.92 -0.93 23.03
CA GLY A 100 -3.12 -0.55 23.76
C GLY A 100 -2.84 0.79 24.42
N ILE A 101 -3.89 1.52 24.79
CA ILE A 101 -3.75 2.82 25.44
C ILE A 101 -4.15 2.60 26.91
N ASP A 102 -3.22 2.85 27.84
CA ASP A 102 -3.52 2.64 29.27
C ASP A 102 -4.27 3.81 29.89
N PRO A 103 -4.69 3.68 31.18
CA PRO A 103 -5.43 4.76 31.86
C PRO A 103 -4.86 6.16 31.69
N LYS A 104 -3.53 6.28 31.61
CA LYS A 104 -2.89 7.58 31.46
C LYS A 104 -2.61 7.93 30.01
N ASN A 105 -3.31 7.26 29.11
CA ASN A 105 -3.18 7.47 27.67
C ASN A 105 -1.80 7.13 27.13
N GLN A 106 -1.11 6.22 27.79
CA GLN A 106 0.21 5.80 27.35
C GLN A 106 0.08 4.58 26.44
N GLN A 107 0.90 4.54 25.40
CA GLN A 107 0.89 3.44 24.45
C GLN A 107 1.72 2.28 24.99
N VAL A 108 1.10 1.11 25.15
CA VAL A 108 1.79 -0.08 25.66
C VAL A 108 1.57 -1.25 24.70
N GLN A 109 2.43 -2.26 24.78
CA GLN A 109 2.34 -3.42 23.89
C GLN A 109 1.79 -4.68 24.58
N ASN A 110 0.66 -5.15 24.08
CA ASN A 110 -0.02 -6.32 24.64
C ASN A 110 -0.07 -7.52 23.71
N ILE A 111 -0.14 -8.70 24.30
CA ILE A 111 -0.23 -9.92 23.52
C ILE A 111 -1.63 -10.51 23.57
N ALA A 112 -2.02 -11.14 22.49
CA ALA A 112 -3.33 -11.77 22.45
C ALA A 112 -3.15 -13.10 21.72
N GLU A 113 -3.93 -14.10 22.10
CA GLU A 113 -3.88 -15.41 21.47
C GLU A 113 -5.29 -15.98 21.28
N PRO A 114 -5.43 -16.96 20.39
CA PRO A 114 -6.74 -17.57 20.15
C PRO A 114 -7.23 -18.36 21.36
N LYS A 115 -8.54 -18.39 21.58
CA LYS A 115 -9.11 -19.15 22.69
C LYS A 115 -9.32 -20.59 22.24
N ASN A 116 -9.57 -20.79 20.94
CA ASN A 116 -9.79 -22.11 20.37
C ASN A 116 -8.91 -22.23 19.11
N LEU A 117 -7.78 -22.91 19.22
CA LEU A 117 -6.88 -23.08 18.07
C LEU A 117 -7.47 -24.03 17.04
N SER A 118 -8.54 -24.72 17.41
CA SER A 118 -9.21 -25.65 16.50
C SER A 118 -10.19 -24.89 15.62
N ASP A 119 -10.36 -23.60 15.89
CA ASP A 119 -11.27 -22.79 15.09
C ASP A 119 -10.45 -22.10 14.01
N PRO A 120 -10.56 -22.56 12.75
CA PRO A 120 -9.82 -21.99 11.62
C PRO A 120 -10.14 -20.51 11.36
N TYR A 121 -11.23 -20.03 11.95
CA TYR A 121 -11.63 -18.65 11.78
C TYR A 121 -11.21 -17.78 12.97
N LEU A 122 -10.53 -18.41 13.93
CA LEU A 122 -10.03 -17.70 15.11
C LEU A 122 -10.96 -16.53 15.47
N ARG A 123 -12.21 -16.85 15.78
CA ARG A 123 -13.18 -15.83 16.11
C ARG A 123 -12.97 -15.19 17.47
N GLU A 124 -12.56 -15.99 18.47
CA GLU A 124 -12.34 -15.45 19.82
C GLU A 124 -10.89 -15.43 20.25
N TRP A 125 -10.48 -14.30 20.80
CA TRP A 125 -9.11 -14.13 21.27
C TRP A 125 -9.08 -13.74 22.74
N LYS A 126 -8.08 -14.23 23.46
CA LYS A 126 -7.93 -13.91 24.88
C LYS A 126 -6.64 -13.10 25.04
N LYS A 127 -6.64 -12.22 26.04
CA LYS A 127 -5.51 -11.34 26.32
C LYS A 127 -4.84 -11.65 27.65
N SER A 128 -3.55 -11.99 27.58
CA SER A 128 -2.78 -12.36 28.76
C SER A 128 -2.88 -11.40 29.94
N PRO A 129 -3.03 -11.95 31.14
CA PRO A 129 -3.14 -11.11 32.35
C PRO A 129 -1.76 -10.53 32.68
N LEU A 130 -0.76 -10.92 31.90
CA LEU A 130 0.60 -10.42 32.11
C LEU A 130 0.82 -9.12 31.34
N ASN A 131 -0.17 -8.73 30.54
CA ASN A 131 -0.05 -7.50 29.77
C ASN A 131 0.02 -6.27 30.65
N PRO A 132 0.75 -5.24 30.20
CA PRO A 132 1.47 -5.24 28.92
C PRO A 132 2.83 -5.91 29.03
N LEU A 133 3.31 -6.46 27.91
CA LEU A 133 4.60 -7.13 27.84
C LEU A 133 5.74 -6.12 27.68
N MET A 134 5.44 -5.00 27.06
CA MET A 134 6.42 -3.94 26.83
C MET A 134 5.69 -2.61 27.03
N ALA A 135 6.26 -1.73 27.85
CA ALA A 135 5.62 -0.45 28.13
C ALA A 135 6.64 0.64 28.38
N PRO A 136 6.24 1.90 28.16
CA PRO A 136 7.12 3.05 28.36
C PRO A 136 7.24 3.34 29.86
N ASP A 137 8.47 3.55 30.34
CA ASP A 137 8.68 3.87 31.76
C ASP A 137 9.95 4.71 31.99
N ALA A 138 10.18 5.10 33.24
CA ALA A 138 11.35 5.92 33.56
C ALA A 138 12.66 5.17 33.36
N VAL A 139 12.58 3.86 33.35
CA VAL A 139 13.76 3.02 33.18
C VAL A 139 14.25 3.03 31.74
N ASN A 140 13.33 2.84 30.79
CA ASN A 140 13.73 2.83 29.38
C ASN A 140 13.67 4.20 28.71
N GLY A 141 13.05 5.16 29.38
CA GLY A 141 12.97 6.49 28.79
C GLY A 141 12.22 6.59 27.47
N ILE A 142 11.45 5.58 27.09
CA ILE A 142 10.69 5.63 25.84
C ILE A 142 9.56 6.67 25.89
N ASN A 143 9.28 7.34 24.77
CA ASN A 143 8.21 8.34 24.71
C ASN A 143 6.87 7.61 24.79
N ALA A 144 6.13 7.82 25.86
CA ALA A 144 4.85 7.16 26.09
C ALA A 144 3.79 7.49 25.06
N SER A 145 4.01 8.58 24.33
CA SER A 145 3.08 9.06 23.30
C SER A 145 3.51 8.69 21.89
N SER A 146 4.68 8.08 21.78
CA SER A 146 5.21 7.69 20.49
C SER A 146 5.93 6.37 20.61
N PHE A 147 5.13 5.32 20.84
CA PHE A 147 5.64 3.97 20.99
C PHE A 147 4.51 3.03 20.60
N ARG A 148 4.40 2.71 19.32
CA ARG A 148 3.31 1.86 18.86
C ARG A 148 3.56 1.05 17.57
N ASP A 149 2.59 0.19 17.27
CA ASP A 149 2.56 -0.65 16.08
C ASP A 149 3.61 -1.78 16.01
N PRO A 150 3.53 -2.74 16.94
CA PRO A 150 4.49 -3.84 16.92
C PRO A 150 4.39 -4.64 15.62
N THR A 151 5.52 -5.04 15.09
CA THR A 151 5.55 -5.80 13.85
C THR A 151 5.44 -7.29 14.15
N THR A 152 5.50 -8.09 13.10
CA THR A 152 5.50 -9.53 13.25
C THR A 152 6.91 -9.75 13.80
N ALA A 153 7.08 -10.75 14.65
CA ALA A 153 8.39 -11.04 15.23
C ALA A 153 9.12 -12.07 14.37
N TRP A 154 10.45 -12.15 14.56
CA TRP A 154 11.26 -13.10 13.83
C TRP A 154 12.24 -13.76 14.79
N LEU A 155 12.54 -15.03 14.57
CA LEU A 155 13.43 -15.77 15.44
C LEU A 155 14.90 -15.61 15.07
N GLY A 156 15.73 -15.32 16.06
CA GLY A 156 17.15 -15.13 15.82
C GLY A 156 17.94 -16.42 15.92
N GLN A 157 19.18 -16.38 15.47
CA GLN A 157 20.05 -17.56 15.50
C GLN A 157 20.23 -18.06 16.93
N ASP A 158 20.23 -17.15 17.88
CA ASP A 158 20.39 -17.49 19.29
C ASP A 158 19.07 -17.97 19.90
N LYS A 159 18.11 -18.30 19.03
CA LYS A 159 16.79 -18.77 19.45
C LYS A 159 16.00 -17.72 20.24
N LYS A 160 16.38 -16.46 20.11
CA LYS A 160 15.66 -15.41 20.80
C LYS A 160 14.85 -14.59 19.80
N TRP A 161 13.60 -14.33 20.13
CA TRP A 161 12.72 -13.57 19.26
C TRP A 161 13.08 -12.09 19.26
N ARG A 162 12.83 -11.45 18.13
CA ARG A 162 13.05 -10.01 17.94
C ARG A 162 11.75 -9.41 17.47
N VAL A 163 11.50 -8.16 17.85
CA VAL A 163 10.32 -7.45 17.39
C VAL A 163 10.66 -5.97 17.50
N ILE A 164 10.10 -5.16 16.63
CA ILE A 164 10.36 -3.73 16.70
C ILE A 164 9.05 -2.98 16.83
N ILE A 165 9.12 -1.83 17.49
CA ILE A 165 7.96 -0.96 17.69
C ILE A 165 8.34 0.43 17.19
N GLY A 166 7.41 1.09 16.51
CA GLY A 166 7.70 2.43 16.01
C GLY A 166 7.78 3.43 17.13
N SER A 167 8.75 4.32 17.09
CA SER A 167 8.87 5.32 18.14
C SER A 167 9.66 6.50 17.64
N LYS A 168 10.09 7.34 18.58
CA LYS A 168 10.90 8.51 18.27
C LYS A 168 11.37 9.23 19.53
N ILE A 169 12.45 9.96 19.39
CA ILE A 169 12.98 10.78 20.47
C ILE A 169 13.20 12.13 19.79
N HIS A 170 12.33 13.08 20.12
CA HIS A 170 12.40 14.40 19.52
C HIS A 170 12.09 14.26 18.03
N ARG A 171 13.08 14.53 17.19
CA ARG A 171 12.90 14.44 15.74
C ARG A 171 13.51 13.17 15.14
N ARG A 172 14.08 12.32 15.98
CA ARG A 172 14.69 11.09 15.49
C ARG A 172 13.76 9.88 15.45
N GLY A 173 13.49 9.39 14.25
CA GLY A 173 12.65 8.22 14.10
C GLY A 173 13.39 7.01 14.62
N LEU A 174 12.66 6.10 15.28
CA LEU A 174 13.28 4.92 15.87
C LEU A 174 12.51 3.63 15.64
N ALA A 175 13.26 2.55 15.48
CA ALA A 175 12.69 1.21 15.34
C ALA A 175 13.22 0.53 16.61
N ILE A 176 12.49 0.69 17.72
CA ILE A 176 12.89 0.10 19.01
C ILE A 176 12.75 -1.41 18.99
N THR A 177 13.86 -2.09 19.26
CA THR A 177 13.89 -3.55 19.25
C THR A 177 13.77 -4.16 20.63
N TYR A 178 13.04 -5.27 20.72
CA TYR A 178 12.88 -6.02 21.96
C TYR A 178 13.20 -7.47 21.62
N THR A 179 13.67 -8.22 22.61
CA THR A 179 13.99 -9.64 22.40
C THR A 179 13.40 -10.46 23.52
N SER A 180 13.18 -11.74 23.24
CA SER A 180 12.58 -12.66 24.20
C SER A 180 12.79 -14.14 23.86
N LYS A 181 12.93 -14.98 24.87
CA LYS A 181 13.14 -16.41 24.65
C LYS A 181 11.84 -17.17 24.71
N ASP A 182 10.83 -16.62 25.40
CA ASP A 182 9.54 -17.29 25.55
C ASP A 182 8.36 -16.50 24.96
N PHE A 183 8.67 -15.34 24.38
CA PHE A 183 7.66 -14.47 23.78
C PHE A 183 6.77 -13.78 24.81
N LEU A 184 7.19 -13.86 26.07
CA LEU A 184 6.44 -13.25 27.17
C LEU A 184 7.28 -12.20 27.90
N LYS A 185 8.50 -12.59 28.27
CA LYS A 185 9.43 -11.69 28.94
C LYS A 185 10.21 -11.02 27.83
N TRP A 186 9.98 -9.73 27.60
CA TRP A 186 10.71 -9.03 26.56
C TRP A 186 11.65 -8.01 27.14
N GLU A 187 12.88 -8.03 26.65
CA GLU A 187 13.93 -7.12 27.11
C GLU A 187 14.23 -6.07 26.05
N LYS A 188 14.17 -4.79 26.41
CA LYS A 188 14.48 -3.76 25.44
C LYS A 188 15.95 -3.84 25.07
N SER A 189 16.26 -3.70 23.77
CA SER A 189 17.65 -3.73 23.34
C SER A 189 18.25 -2.35 23.51
N PRO A 190 19.56 -2.27 23.76
CA PRO A 190 20.29 -1.01 23.95
C PRO A 190 20.25 -0.10 22.72
N GLU A 191 20.37 -0.71 21.53
CA GLU A 191 20.35 0.04 20.27
C GLU A 191 19.12 -0.35 19.47
N PRO A 192 18.55 0.61 18.71
CA PRO A 192 17.37 0.34 17.89
C PRO A 192 17.83 -0.44 16.66
N LEU A 193 16.89 -1.07 15.95
CA LEU A 193 17.23 -1.83 14.76
C LEU A 193 17.73 -0.83 13.72
N HIS A 194 17.22 0.40 13.84
CA HIS A 194 17.61 1.47 12.95
C HIS A 194 16.96 2.78 13.42
N TYR A 195 17.42 3.90 12.87
CA TYR A 195 16.87 5.20 13.24
C TYR A 195 17.23 6.22 12.17
N ASP A 196 16.75 7.45 12.35
CA ASP A 196 17.04 8.50 11.40
C ASP A 196 16.68 9.84 12.02
N ASP A 197 17.65 10.74 12.04
CA ASP A 197 17.45 12.07 12.61
C ASP A 197 16.71 12.99 11.65
N GLY A 198 15.64 13.59 12.12
CA GLY A 198 14.87 14.50 11.29
C GLY A 198 13.62 13.93 10.65
N SER A 199 13.49 12.61 10.61
CA SER A 199 12.31 11.99 9.98
C SER A 199 11.04 12.14 10.80
N GLY A 200 11.18 12.20 12.11
CA GLY A 200 10.01 12.31 12.95
C GLY A 200 9.56 10.91 13.34
N MET A 201 8.37 10.81 13.93
CA MET A 201 7.80 9.54 14.35
C MET A 201 7.73 8.48 13.26
N TRP A 202 8.14 7.26 13.61
CA TRP A 202 8.08 6.12 12.70
C TRP A 202 6.90 5.27 13.11
N GLU A 203 5.89 5.18 12.26
CA GLU A 203 4.70 4.36 12.56
C GLU A 203 4.69 3.10 11.70
N CYS A 204 3.83 2.17 12.08
CA CYS A 204 3.63 0.91 11.37
C CYS A 204 4.89 0.33 10.71
N PRO A 205 5.94 0.11 11.52
CA PRO A 205 7.20 -0.44 11.01
C PRO A 205 6.94 -1.83 10.42
N ASP A 206 7.87 -2.30 9.58
CA ASP A 206 7.80 -3.64 9.00
C ASP A 206 9.24 -4.01 8.64
N PHE A 207 9.59 -5.25 8.90
CA PHE A 207 10.94 -5.74 8.61
C PHE A 207 10.81 -7.17 8.12
N PHE A 208 11.23 -7.41 6.88
CA PHE A 208 11.14 -8.76 6.31
C PHE A 208 12.20 -9.03 5.28
N PRO A 209 12.48 -10.32 5.01
CA PRO A 209 13.48 -10.77 4.04
C PRO A 209 12.89 -10.86 2.63
N VAL A 210 13.75 -10.70 1.63
CA VAL A 210 13.36 -10.84 0.23
C VAL A 210 14.51 -11.52 -0.48
N THR A 211 14.18 -12.43 -1.39
CA THR A 211 15.18 -13.16 -2.14
C THR A 211 15.83 -12.23 -3.17
N ARG A 212 17.15 -12.36 -3.32
CA ARG A 212 17.91 -11.53 -4.26
C ARG A 212 17.39 -11.63 -5.69
N PHE A 213 17.13 -12.85 -6.13
CA PHE A 213 16.63 -13.09 -7.47
C PHE A 213 15.40 -14.01 -7.45
N GLY A 214 14.25 -13.48 -7.84
CA GLY A 214 13.03 -14.27 -7.85
C GLY A 214 11.85 -13.48 -7.30
N SER A 215 10.64 -13.93 -7.57
CA SER A 215 9.45 -13.24 -7.08
C SER A 215 8.80 -13.97 -5.90
N ASN A 216 9.32 -15.14 -5.55
CA ASN A 216 8.77 -15.91 -4.43
C ASN A 216 8.97 -15.13 -3.12
N GLY A 217 8.07 -15.33 -2.17
CA GLY A 217 8.19 -14.67 -0.87
C GLY A 217 9.14 -15.46 0.00
N VAL A 218 9.55 -14.89 1.13
CA VAL A 218 10.47 -15.56 2.04
C VAL A 218 9.97 -15.44 3.47
N GLU A 219 9.95 -16.58 4.18
CA GLU A 219 9.51 -16.66 5.57
C GLU A 219 10.28 -15.59 6.36
N THR A 220 9.55 -14.84 7.18
CA THR A 220 10.15 -13.74 7.92
C THR A 220 11.44 -13.99 8.72
N SER A 221 11.60 -15.20 9.24
CA SER A 221 12.81 -15.53 10.01
C SER A 221 13.96 -16.15 9.19
N SER A 222 13.70 -16.49 7.93
CA SER A 222 14.74 -17.11 7.09
C SER A 222 16.09 -16.40 7.13
N PHE A 223 17.16 -17.18 7.20
CA PHE A 223 18.52 -16.65 7.25
C PHE A 223 19.17 -16.69 5.86
N GLY A 224 20.18 -15.85 5.65
CA GLY A 224 20.87 -15.84 4.37
C GLY A 224 21.74 -17.07 4.22
N GLU A 225 21.80 -17.63 3.02
CA GLU A 225 22.60 -18.81 2.76
C GLU A 225 23.76 -18.47 1.83
N PRO A 226 24.92 -19.14 2.00
CA PRO A 226 26.09 -18.88 1.16
C PRO A 226 25.76 -18.95 -0.32
N ASN A 227 24.72 -19.72 -0.64
CA ASN A 227 24.28 -19.91 -2.01
C ASN A 227 22.92 -19.22 -2.22
N GLU A 228 22.36 -18.68 -1.13
CA GLU A 228 21.08 -18.02 -1.18
C GLU A 228 21.17 -16.64 -0.52
N ILE A 229 21.37 -15.61 -1.34
CA ILE A 229 21.48 -14.25 -0.83
C ILE A 229 20.12 -13.63 -0.57
N LEU A 230 19.93 -13.13 0.65
CA LEU A 230 18.67 -12.51 1.02
C LEU A 230 18.88 -11.05 1.40
N LYS A 231 17.99 -10.18 0.94
CA LYS A 231 18.09 -8.79 1.30
C LYS A 231 17.00 -8.60 2.35
N HIS A 232 17.05 -7.48 3.06
CA HIS A 232 16.04 -7.20 4.05
C HIS A 232 15.44 -5.84 3.80
N VAL A 233 14.12 -5.78 3.94
CA VAL A 233 13.38 -4.54 3.72
C VAL A 233 12.90 -3.95 5.03
N LEU A 234 13.21 -2.68 5.27
CA LEU A 234 12.74 -2.00 6.47
C LEU A 234 11.71 -0.99 5.97
N LYS A 235 10.49 -1.11 6.44
CA LYS A 235 9.44 -0.19 6.01
C LYS A 235 8.83 0.57 7.17
N ILE A 236 8.64 1.87 7.00
CA ILE A 236 8.02 2.67 8.05
C ILE A 236 7.03 3.67 7.43
N SER A 237 6.01 4.02 8.21
CA SER A 237 5.01 5.00 7.79
C SER A 237 5.43 6.27 8.52
N LEU A 238 5.79 7.31 7.76
CA LEU A 238 6.20 8.60 8.35
C LEU A 238 4.98 9.42 8.69
N ASP A 239 4.75 9.56 9.99
CA ASP A 239 3.63 10.31 10.53
C ASP A 239 3.61 11.77 10.02
N ASP A 240 4.78 12.36 9.85
CA ASP A 240 4.88 13.76 9.40
C ASP A 240 4.47 14.00 7.94
N THR A 241 4.57 12.98 7.10
CA THR A 241 4.22 13.16 5.70
C THR A 241 3.03 12.31 5.26
N LYS A 242 2.63 11.35 6.08
CA LYS A 242 1.50 10.49 5.75
C LYS A 242 1.78 9.60 4.54
N HIS A 243 3.03 9.16 4.39
CA HIS A 243 3.42 8.27 3.32
C HIS A 243 4.19 7.09 3.91
N ASP A 244 4.21 5.98 3.16
CA ASP A 244 4.90 4.77 3.54
C ASP A 244 6.18 4.66 2.70
N TYR A 245 7.29 4.40 3.37
CA TYR A 245 8.58 4.30 2.71
C TYR A 245 9.31 3.02 3.08
N TYR A 246 10.30 2.66 2.28
CA TYR A 246 11.08 1.46 2.56
C TYR A 246 12.50 1.64 2.04
N THR A 247 13.41 0.85 2.58
CA THR A 247 14.78 0.88 2.14
C THR A 247 15.23 -0.57 2.06
N ILE A 248 16.13 -0.84 1.12
CA ILE A 248 16.67 -2.18 0.92
C ILE A 248 18.06 -2.19 1.52
N GLY A 249 18.39 -3.27 2.21
CA GLY A 249 19.70 -3.36 2.83
C GLY A 249 20.00 -4.73 3.38
N THR A 250 20.97 -4.78 4.29
CA THR A 250 21.39 -6.03 4.91
C THR A 250 21.09 -6.01 6.40
N TYR A 251 21.17 -7.17 7.01
CA TYR A 251 20.87 -7.29 8.43
C TYR A 251 22.09 -7.78 9.22
N ASP A 252 22.67 -6.89 10.02
CA ASP A 252 23.81 -7.24 10.84
C ASP A 252 23.27 -7.89 12.11
N ARG A 253 23.17 -9.21 12.10
CA ARG A 253 22.65 -9.94 13.24
C ARG A 253 23.55 -9.89 14.47
N VAL A 254 24.82 -9.53 14.26
CA VAL A 254 25.75 -9.44 15.37
C VAL A 254 25.39 -8.23 16.23
N LYS A 255 25.30 -7.07 15.61
CA LYS A 255 24.94 -5.87 16.36
C LYS A 255 23.43 -5.71 16.38
N ASP A 256 22.74 -6.61 15.69
CA ASP A 256 21.28 -6.58 15.58
C ASP A 256 20.85 -5.23 15.03
N LYS A 257 21.41 -4.87 13.88
CA LYS A 257 21.09 -3.60 13.24
C LYS A 257 20.86 -3.78 11.74
N PHE A 258 19.96 -2.95 11.22
CA PHE A 258 19.65 -2.98 9.80
C PHE A 258 20.63 -2.05 9.12
N VAL A 259 21.16 -2.46 7.97
CA VAL A 259 22.12 -1.62 7.22
C VAL A 259 21.61 -1.37 5.80
N PRO A 260 21.13 -0.14 5.53
CA PRO A 260 20.62 0.21 4.20
C PRO A 260 21.70 0.08 3.12
N ASP A 261 21.30 -0.29 1.90
CA ASP A 261 22.25 -0.39 0.80
C ASP A 261 22.58 1.01 0.33
N ASN A 262 23.72 1.13 -0.34
CA ASN A 262 24.17 2.42 -0.84
C ASN A 262 23.08 3.14 -1.63
N GLY A 263 22.89 4.41 -1.32
CA GLY A 263 21.87 5.20 -1.99
C GLY A 263 20.53 5.14 -1.28
N PHE A 264 20.48 4.51 -0.10
CA PHE A 264 19.24 4.41 0.67
C PHE A 264 19.35 5.08 2.04
N LYS A 265 18.31 5.81 2.42
CA LYS A 265 18.24 6.46 3.72
C LYS A 265 16.80 6.39 4.21
N MET A 266 16.59 5.81 5.39
CA MET A 266 15.25 5.65 5.94
C MET A 266 14.59 6.96 6.32
N ASP A 267 14.11 7.68 5.31
CA ASP A 267 13.42 8.94 5.54
C ASP A 267 12.60 9.32 4.32
N GLY A 268 12.07 10.53 4.32
CA GLY A 268 11.25 11.00 3.21
C GLY A 268 11.89 10.93 1.84
N THR A 269 13.17 10.60 1.74
CA THR A 269 13.81 10.53 0.43
C THR A 269 13.82 9.11 -0.11
N ALA A 270 13.51 8.14 0.76
CA ALA A 270 13.51 6.75 0.31
C ALA A 270 12.34 6.48 -0.63
N PRO A 271 12.33 5.32 -1.30
CA PRO A 271 11.23 5.01 -2.21
C PRO A 271 9.95 4.68 -1.45
N ARG A 272 8.82 4.73 -2.15
CA ARG A 272 7.54 4.42 -1.52
C ARG A 272 6.93 3.22 -2.19
N TYR A 273 6.03 2.54 -1.49
CA TYR A 273 5.35 1.40 -2.09
C TYR A 273 4.39 2.01 -3.12
N ASP A 274 3.73 3.09 -2.70
CA ASP A 274 2.70 3.74 -3.50
C ASP A 274 2.85 5.27 -3.43
N TYR A 275 2.76 5.93 -4.58
CA TYR A 275 2.93 7.36 -4.62
C TYR A 275 1.63 8.20 -4.56
N GLY A 276 0.51 7.55 -4.24
CA GLY A 276 -0.77 8.23 -4.14
C GLY A 276 -1.25 8.20 -2.68
N LYS A 277 -2.51 7.81 -2.47
CA LYS A 277 -3.08 7.73 -1.12
C LYS A 277 -2.88 6.31 -0.60
N TYR A 278 -1.91 6.13 0.32
CA TYR A 278 -1.58 4.80 0.82
C TYR A 278 -0.85 4.96 2.16
N TYR A 279 -1.30 4.25 3.19
CA TYR A 279 -0.65 4.38 4.51
C TYR A 279 -0.83 3.19 5.45
N ALA A 280 0.04 3.08 6.46
CA ALA A 280 -0.02 2.01 7.45
C ALA A 280 0.03 0.60 6.84
N SER A 281 0.68 0.47 5.69
CA SER A 281 0.80 -0.80 5.01
C SER A 281 1.57 -1.83 5.84
N LYS A 282 1.24 -3.10 5.63
CA LYS A 282 1.86 -4.20 6.37
C LYS A 282 1.79 -5.49 5.56
N THR A 283 2.88 -6.26 5.58
CA THR A 283 2.94 -7.53 4.85
C THR A 283 2.85 -8.72 5.78
N PHE A 284 2.68 -9.89 5.17
CA PHE A 284 2.63 -11.13 5.92
C PHE A 284 3.09 -12.20 4.93
N PHE A 285 3.61 -13.31 5.43
CA PHE A 285 4.08 -14.39 4.58
C PHE A 285 2.97 -15.39 4.32
N ASP A 286 2.59 -15.52 3.06
CA ASP A 286 1.54 -16.47 2.65
C ASP A 286 2.23 -17.78 2.31
N SER A 287 2.43 -18.61 3.33
CA SER A 287 3.09 -19.89 3.19
C SER A 287 2.32 -20.84 2.26
N ALA A 288 1.08 -20.48 1.96
CA ALA A 288 0.25 -21.31 1.09
C ALA A 288 0.73 -21.28 -0.36
N LYS A 289 1.24 -20.13 -0.81
CA LYS A 289 1.71 -20.02 -2.19
C LYS A 289 3.09 -19.38 -2.33
N ASN A 290 3.86 -19.40 -1.25
CA ASN A 290 5.21 -18.85 -1.24
C ASN A 290 5.33 -17.42 -1.77
N ARG A 291 4.54 -16.52 -1.20
CA ARG A 291 4.58 -15.13 -1.63
C ARG A 291 4.38 -14.21 -0.44
N ARG A 292 4.85 -12.97 -0.56
CA ARG A 292 4.64 -12.02 0.52
C ARG A 292 3.57 -11.05 0.03
N ILE A 293 2.50 -10.93 0.81
CA ILE A 293 1.37 -10.05 0.48
C ILE A 293 1.40 -8.76 1.28
N LEU A 294 1.20 -7.66 0.57
CA LEU A 294 1.20 -6.34 1.19
C LEU A 294 -0.22 -5.75 1.26
N TRP A 295 -0.62 -5.34 2.46
CA TRP A 295 -1.91 -4.72 2.73
C TRP A 295 -1.66 -3.23 2.93
N GLY A 296 -2.53 -2.40 2.37
CA GLY A 296 -2.37 -0.96 2.53
C GLY A 296 -3.70 -0.25 2.66
N TRP A 297 -3.75 0.72 3.59
CA TRP A 297 -4.96 1.49 3.85
C TRP A 297 -5.03 2.79 3.05
N THR A 298 -6.16 3.01 2.38
CA THR A 298 -6.36 4.24 1.62
C THR A 298 -7.55 5.02 2.17
N ASN A 299 -7.28 6.12 2.85
CA ASN A 299 -8.36 6.92 3.43
C ASN A 299 -9.14 7.70 2.36
N GLU A 300 -10.21 8.38 2.75
CA GLU A 300 -11.02 9.13 1.80
C GLU A 300 -10.37 10.43 1.39
N SER A 301 -10.57 10.84 0.14
CA SER A 301 -10.03 12.11 -0.34
C SER A 301 -11.18 13.11 -0.35
N SER A 302 -12.34 12.68 0.15
CA SER A 302 -13.52 13.52 0.21
C SER A 302 -13.53 14.25 1.56
N SER A 303 -14.43 15.22 1.72
CA SER A 303 -14.51 15.96 2.98
C SER A 303 -15.04 15.06 4.08
N VAL A 304 -14.78 15.45 5.33
CA VAL A 304 -15.26 14.67 6.47
C VAL A 304 -16.79 14.72 6.49
N GLU A 305 -17.36 15.84 6.06
CA GLU A 305 -18.81 15.97 6.03
C GLU A 305 -19.40 14.91 5.11
N ASP A 306 -18.80 14.74 3.94
CA ASP A 306 -19.27 13.73 3.00
C ASP A 306 -19.15 12.35 3.66
N ASP A 307 -18.07 12.13 4.39
CA ASP A 307 -17.85 10.85 5.07
C ASP A 307 -18.99 10.55 6.04
N VAL A 308 -19.23 11.49 6.94
CA VAL A 308 -20.29 11.34 7.91
C VAL A 308 -21.61 11.10 7.19
N GLU A 309 -21.82 11.80 6.09
CA GLU A 309 -23.03 11.67 5.31
C GLU A 309 -23.22 10.27 4.70
N LYS A 310 -22.18 9.75 4.05
CA LYS A 310 -22.29 8.44 3.43
C LYS A 310 -22.30 7.32 4.47
N GLY A 311 -21.86 7.65 5.68
CA GLY A 311 -21.83 6.67 6.75
C GLY A 311 -20.60 5.77 6.84
N TRP A 312 -19.54 6.10 6.11
CA TRP A 312 -18.33 5.29 6.17
C TRP A 312 -17.11 6.09 5.78
N SER A 313 -15.95 5.48 5.89
CA SER A 313 -14.70 6.15 5.55
C SER A 313 -13.53 5.16 5.61
N GLY A 314 -12.79 5.08 4.50
CA GLY A 314 -11.63 4.20 4.45
C GLY A 314 -11.80 2.85 3.76
N ILE A 315 -10.80 2.46 2.99
CA ILE A 315 -10.81 1.18 2.31
C ILE A 315 -9.38 0.66 2.25
N GLN A 316 -9.21 -0.62 1.93
CA GLN A 316 -7.88 -1.19 1.79
C GLN A 316 -7.71 -1.35 0.29
N THR A 317 -6.49 -1.22 -0.22
CA THR A 317 -6.30 -1.42 -1.64
C THR A 317 -6.39 -2.93 -1.82
N ILE A 318 -6.30 -3.40 -3.05
CA ILE A 318 -6.34 -4.83 -3.32
C ILE A 318 -4.97 -5.31 -2.85
N PRO A 319 -4.94 -6.37 -2.03
CA PRO A 319 -3.64 -6.86 -1.55
C PRO A 319 -2.71 -7.15 -2.71
N ARG A 320 -1.41 -6.99 -2.49
CA ARG A 320 -0.52 -7.28 -3.60
C ARG A 320 0.76 -8.03 -3.25
N LYS A 321 1.19 -8.81 -4.22
CA LYS A 321 2.41 -9.60 -4.08
C LYS A 321 3.59 -8.66 -4.33
N ILE A 322 4.60 -8.75 -3.47
CA ILE A 322 5.78 -7.91 -3.56
C ILE A 322 7.06 -8.75 -3.59
N TRP A 323 8.08 -8.26 -4.29
CA TRP A 323 9.36 -8.93 -4.37
C TRP A 323 10.44 -7.95 -4.84
N LEU A 324 11.70 -8.38 -4.80
CA LEU A 324 12.82 -7.55 -5.20
C LEU A 324 12.98 -7.57 -6.72
N ASP A 325 13.26 -6.42 -7.31
CA ASP A 325 13.43 -6.39 -8.76
C ASP A 325 14.87 -6.84 -9.06
N ARG A 326 15.15 -7.20 -10.32
CA ARG A 326 16.48 -7.69 -10.68
C ARG A 326 17.61 -6.72 -10.37
N SER A 327 17.39 -5.44 -10.61
CA SER A 327 18.41 -4.43 -10.34
C SER A 327 18.73 -4.42 -8.85
N GLY A 328 17.79 -4.87 -8.02
CA GLY A 328 18.00 -4.88 -6.59
C GLY A 328 17.90 -3.51 -5.93
N LYS A 329 17.43 -2.53 -6.68
CA LYS A 329 17.30 -1.16 -6.15
C LYS A 329 15.86 -0.79 -5.74
N GLN A 330 14.89 -1.64 -6.04
CA GLN A 330 13.52 -1.34 -5.65
C GLN A 330 12.67 -2.60 -5.62
N LEU A 331 11.48 -2.45 -5.07
CA LEU A 331 10.55 -3.56 -4.99
C LEU A 331 9.52 -3.45 -6.11
N ILE A 332 9.01 -4.59 -6.55
CA ILE A 332 7.98 -4.65 -7.58
C ILE A 332 6.71 -5.13 -6.88
N GLN A 333 5.57 -4.62 -7.33
CA GLN A 333 4.28 -4.97 -6.76
C GLN A 333 3.27 -5.29 -7.83
N TRP A 334 2.35 -6.21 -7.51
CA TRP A 334 1.30 -6.59 -8.44
C TRP A 334 0.12 -7.14 -7.64
N PRO A 335 -1.10 -6.69 -7.95
CA PRO A 335 -2.24 -7.21 -7.19
C PRO A 335 -2.29 -8.73 -7.25
N VAL A 336 -2.71 -9.35 -6.15
CA VAL A 336 -2.80 -10.80 -6.11
C VAL A 336 -3.59 -11.27 -7.32
N ARG A 337 -3.11 -12.34 -7.94
CA ARG A 337 -3.73 -12.91 -9.12
C ARG A 337 -5.19 -13.34 -8.91
N GLU A 338 -5.56 -13.60 -7.66
CA GLU A 338 -6.93 -13.98 -7.38
C GLU A 338 -7.92 -12.88 -7.76
N VAL A 339 -7.48 -11.63 -7.80
CA VAL A 339 -8.40 -10.55 -8.17
C VAL A 339 -8.85 -10.68 -9.63
N GLU A 340 -8.01 -11.32 -10.42
CA GLU A 340 -8.27 -11.54 -11.85
C GLU A 340 -9.47 -12.47 -12.05
N ARG A 341 -9.85 -13.17 -10.99
CA ARG A 341 -10.98 -14.09 -11.04
C ARG A 341 -12.28 -13.31 -11.14
N LEU A 342 -12.18 -11.98 -10.98
CA LEU A 342 -13.37 -11.12 -11.05
C LEU A 342 -13.61 -10.61 -12.46
N ARG A 343 -12.58 -10.70 -13.29
CA ARG A 343 -12.66 -10.25 -14.67
C ARG A 343 -13.73 -11.02 -15.44
N THR A 344 -14.59 -10.28 -16.14
CA THR A 344 -15.66 -10.89 -16.93
C THR A 344 -15.07 -11.83 -17.98
N LYS A 345 -15.82 -12.88 -18.29
CA LYS A 345 -15.42 -13.87 -19.28
C LYS A 345 -15.07 -13.22 -20.62
N GLN A 346 -15.87 -12.25 -21.04
CA GLN A 346 -15.64 -11.59 -22.30
C GLN A 346 -14.91 -10.25 -22.11
N VAL A 347 -13.69 -10.18 -22.63
CA VAL A 347 -12.87 -8.98 -22.51
C VAL A 347 -12.91 -8.11 -23.76
N LYS A 348 -12.78 -6.81 -23.57
CA LYS A 348 -12.76 -5.86 -24.67
C LYS A 348 -11.32 -5.66 -25.08
N ASN A 349 -11.01 -5.87 -26.36
CA ASN A 349 -9.66 -5.71 -26.86
C ASN A 349 -9.52 -4.62 -27.91
N LEU A 350 -8.32 -4.07 -28.02
CA LEU A 350 -8.00 -3.03 -29.00
C LEU A 350 -6.52 -3.15 -29.29
N ARG A 351 -6.17 -3.41 -30.55
CA ARG A 351 -4.77 -3.56 -30.92
C ARG A 351 -4.35 -2.62 -32.04
N ASN A 352 -3.07 -2.26 -32.04
CA ASN A 352 -2.51 -1.37 -33.04
C ASN A 352 -3.36 -0.17 -33.35
N LYS A 353 -3.70 0.60 -32.33
CA LYS A 353 -4.49 1.80 -32.52
C LYS A 353 -3.55 2.99 -32.37
N VAL A 354 -3.35 3.73 -33.47
CA VAL A 354 -2.47 4.88 -33.45
C VAL A 354 -3.16 6.12 -32.90
N LEU A 355 -2.69 6.61 -31.77
CA LEU A 355 -3.26 7.81 -31.15
C LEU A 355 -2.47 9.02 -31.64
N LYS A 356 -3.13 9.84 -32.45
CA LYS A 356 -2.50 11.04 -33.00
C LYS A 356 -2.56 12.17 -31.98
N SER A 357 -1.65 13.12 -32.12
CA SER A 357 -1.56 14.26 -31.22
C SER A 357 -2.94 14.86 -30.93
N GLY A 358 -3.31 14.88 -29.65
CA GLY A 358 -4.58 15.43 -29.25
C GLY A 358 -5.79 14.54 -29.46
N SER A 359 -5.59 13.26 -29.74
CA SER A 359 -6.73 12.38 -29.95
C SER A 359 -7.02 11.47 -28.76
N ARG A 360 -8.20 10.87 -28.77
CA ARG A 360 -8.60 9.95 -27.72
C ARG A 360 -9.47 8.84 -28.28
N LEU A 361 -9.35 7.65 -27.68
CA LEU A 361 -10.09 6.48 -28.09
C LEU A 361 -10.93 5.97 -26.91
N GLU A 362 -12.23 5.80 -27.14
CA GLU A 362 -13.14 5.31 -26.11
C GLU A 362 -13.25 3.79 -26.11
N VAL A 363 -13.21 3.20 -24.92
CA VAL A 363 -13.31 1.76 -24.77
C VAL A 363 -14.74 1.38 -24.40
N TYR A 364 -15.48 0.83 -25.36
CA TYR A 364 -16.87 0.44 -25.13
C TYR A 364 -17.00 -1.00 -24.66
N GLY A 365 -18.20 -1.36 -24.23
CA GLY A 365 -18.48 -2.71 -23.78
C GLY A 365 -17.79 -3.10 -22.49
N VAL A 366 -17.92 -2.25 -21.47
CA VAL A 366 -17.29 -2.52 -20.19
C VAL A 366 -17.79 -1.55 -19.14
N THR A 367 -17.99 -2.05 -17.92
CA THR A 367 -18.45 -1.22 -16.82
C THR A 367 -17.27 -0.35 -16.40
N ALA A 368 -17.18 0.83 -16.98
CA ALA A 368 -16.10 1.78 -16.74
C ALA A 368 -15.91 2.20 -15.29
N ALA A 369 -16.89 1.92 -14.45
CA ALA A 369 -16.77 2.32 -13.06
C ALA A 369 -16.27 1.17 -12.19
N GLN A 370 -16.18 -0.03 -12.75
CA GLN A 370 -15.73 -1.20 -12.01
C GLN A 370 -15.08 -2.18 -12.99
N ALA A 371 -13.81 -1.93 -13.30
CA ALA A 371 -13.08 -2.73 -14.27
C ALA A 371 -11.59 -2.77 -14.02
N ASP A 372 -10.90 -3.53 -14.87
CA ASP A 372 -9.46 -3.69 -14.80
C ASP A 372 -8.97 -3.50 -16.24
N VAL A 373 -8.02 -2.59 -16.42
CA VAL A 373 -7.49 -2.32 -17.76
C VAL A 373 -5.97 -2.43 -17.82
N GLU A 374 -5.46 -2.96 -18.94
CA GLU A 374 -4.02 -3.08 -19.13
C GLU A 374 -3.70 -2.63 -20.56
N VAL A 375 -2.90 -1.57 -20.68
CA VAL A 375 -2.53 -1.03 -21.98
C VAL A 375 -1.04 -1.11 -22.26
N LEU A 376 -0.70 -1.23 -23.54
CA LEU A 376 0.68 -1.27 -23.99
C LEU A 376 0.89 -0.11 -24.96
N PHE A 377 1.73 0.83 -24.56
CA PHE A 377 2.02 1.99 -25.40
C PHE A 377 3.34 1.82 -26.11
N LYS A 378 3.38 2.25 -27.37
CA LYS A 378 4.59 2.18 -28.18
C LYS A 378 4.88 3.58 -28.72
N VAL A 379 5.88 4.24 -28.14
CA VAL A 379 6.26 5.58 -28.53
C VAL A 379 6.97 5.62 -29.87
N ARG A 380 6.86 6.77 -30.53
CA ARG A 380 7.49 6.97 -31.82
C ARG A 380 8.55 8.05 -31.73
N ASP A 381 9.73 7.76 -32.28
CA ASP A 381 10.86 8.69 -32.28
C ASP A 381 11.04 9.42 -30.95
N LEU A 382 11.71 8.75 -30.02
CA LEU A 382 12.01 9.27 -28.70
C LEU A 382 12.87 10.53 -28.73
N GLU A 383 13.66 10.70 -29.79
CA GLU A 383 14.53 11.87 -29.88
C GLU A 383 13.72 13.15 -29.76
N LYS A 384 12.42 13.05 -30.03
CA LYS A 384 11.51 14.19 -29.98
C LYS A 384 11.13 14.58 -28.56
N ALA A 385 11.48 13.73 -27.60
CA ALA A 385 11.15 14.00 -26.20
C ALA A 385 11.91 15.20 -25.67
N ASP A 386 11.21 16.04 -24.91
CA ASP A 386 11.80 17.22 -24.30
C ASP A 386 12.93 16.84 -23.35
N VAL A 387 13.88 17.74 -23.16
CA VAL A 387 14.98 17.48 -22.23
C VAL A 387 14.52 17.91 -20.83
N ILE A 388 14.44 16.95 -19.92
CA ILE A 388 14.04 17.23 -18.54
C ILE A 388 15.02 18.21 -17.92
N GLU A 389 14.57 18.97 -16.93
CA GLU A 389 15.43 19.94 -16.25
C GLU A 389 16.31 19.18 -15.25
N PRO A 390 17.60 19.48 -15.23
CA PRO A 390 18.60 18.87 -14.35
C PRO A 390 18.26 18.80 -12.87
N SER A 391 17.64 19.84 -12.33
CA SER A 391 17.30 19.87 -10.92
C SER A 391 16.01 19.12 -10.54
N TRP A 392 15.13 18.89 -11.50
CA TRP A 392 13.86 18.21 -11.22
C TRP A 392 14.06 16.82 -10.61
N THR A 393 13.60 16.67 -9.37
CA THR A 393 13.72 15.39 -8.68
C THR A 393 12.39 14.93 -8.09
N ASP A 394 11.44 15.85 -7.94
CA ASP A 394 10.14 15.51 -7.38
C ASP A 394 9.12 15.20 -8.48
N PRO A 395 8.77 13.91 -8.65
CA PRO A 395 7.81 13.44 -9.66
C PRO A 395 6.44 14.08 -9.51
N GLN A 396 6.01 14.27 -8.26
CA GLN A 396 4.70 14.87 -7.99
C GLN A 396 4.62 16.32 -8.47
N LEU A 397 5.65 17.10 -8.18
CA LEU A 397 5.65 18.50 -8.60
C LEU A 397 5.69 18.63 -10.12
N ILE A 398 6.39 17.71 -10.79
CA ILE A 398 6.45 17.76 -12.24
C ILE A 398 5.05 17.50 -12.80
N CYS A 399 4.33 16.56 -12.20
CA CYS A 399 2.98 16.25 -12.64
C CYS A 399 2.03 17.40 -12.31
N SER A 400 2.34 18.13 -11.24
CA SER A 400 1.51 19.25 -10.83
C SER A 400 1.72 20.48 -11.71
N LYS A 401 2.98 20.84 -11.97
CA LYS A 401 3.26 22.02 -12.78
C LYS A 401 3.04 21.78 -14.27
N MET A 402 3.14 20.52 -14.67
CA MET A 402 2.91 20.11 -16.06
C MET A 402 1.75 19.14 -16.06
N ASN A 403 0.56 19.64 -15.77
CA ASN A 403 -0.64 18.80 -15.72
C ASN A 403 -1.04 18.30 -17.10
N VAL A 404 -2.17 17.61 -17.18
CA VAL A 404 -2.65 17.05 -18.44
C VAL A 404 -2.84 18.03 -19.58
N SER A 405 -3.09 19.29 -19.24
CA SER A 405 -3.31 20.33 -20.25
C SER A 405 -2.00 20.84 -20.84
N VAL A 406 -0.87 20.41 -20.29
CA VAL A 406 0.42 20.87 -20.79
C VAL A 406 1.00 19.82 -21.74
N LYS A 407 1.20 20.20 -23.00
CA LYS A 407 1.74 19.28 -23.98
C LYS A 407 3.25 19.15 -23.92
N SER A 408 3.78 18.10 -24.52
CA SER A 408 5.23 17.90 -24.58
C SER A 408 5.48 16.97 -25.74
N GLY A 409 6.75 16.69 -26.01
CA GLY A 409 7.09 15.81 -27.11
C GLY A 409 6.33 14.50 -27.03
N LEU A 410 6.60 13.73 -25.98
CA LEU A 410 5.93 12.46 -25.78
C LEU A 410 5.08 12.58 -24.52
N GLY A 411 3.77 12.58 -24.69
CA GLY A 411 2.88 12.70 -23.55
C GLY A 411 2.35 14.10 -23.36
N PRO A 412 1.31 14.29 -22.54
CA PRO A 412 0.59 13.26 -21.78
C PRO A 412 -0.17 12.24 -22.63
N PHE A 413 0.07 10.97 -22.37
CA PHE A 413 -0.63 9.91 -23.06
C PHE A 413 -0.87 8.76 -22.07
N GLY A 414 -2.08 8.22 -22.08
CA GLY A 414 -2.41 7.16 -21.16
C GLY A 414 -3.89 6.86 -21.14
N LEU A 415 -4.48 6.92 -19.94
CA LEU A 415 -5.90 6.61 -19.80
C LEU A 415 -6.73 7.68 -19.06
N MET A 416 -8.00 7.77 -19.45
CA MET A 416 -8.94 8.69 -18.81
C MET A 416 -9.95 7.75 -18.16
N VAL A 417 -9.88 7.63 -16.84
CA VAL A 417 -10.77 6.76 -16.10
C VAL A 417 -11.84 7.54 -15.34
N LEU A 418 -12.91 6.85 -14.95
CA LEU A 418 -14.02 7.47 -14.23
C LEU A 418 -14.33 8.83 -14.85
N ALA A 419 -14.43 8.86 -16.17
CA ALA A 419 -14.70 10.06 -16.91
C ALA A 419 -16.16 10.15 -17.35
N SER A 420 -16.66 11.38 -17.54
CA SER A 420 -18.03 11.56 -17.97
C SER A 420 -18.08 11.52 -19.50
N LYS A 421 -19.30 11.47 -20.04
CA LYS A 421 -19.51 11.40 -21.48
C LYS A 421 -18.68 12.44 -22.23
N ASN A 422 -18.88 13.71 -21.87
CA ASN A 422 -18.16 14.79 -22.54
C ASN A 422 -16.94 15.24 -21.76
N LEU A 423 -16.30 14.31 -21.06
CA LEU A 423 -15.13 14.60 -20.26
C LEU A 423 -15.25 15.81 -19.33
N GLU A 424 -16.47 16.05 -18.81
CA GLU A 424 -16.70 17.15 -17.88
C GLU A 424 -15.91 16.77 -16.63
N GLU A 425 -15.78 15.47 -16.41
CA GLU A 425 -15.06 14.95 -15.28
C GLU A 425 -14.18 13.80 -15.79
N TYR A 426 -13.03 13.61 -15.15
CA TYR A 426 -12.14 12.54 -15.53
C TYR A 426 -10.91 12.52 -14.65
N THR A 427 -10.36 11.32 -14.50
CA THR A 427 -9.16 11.12 -13.72
C THR A 427 -8.15 10.62 -14.75
N SER A 428 -7.05 11.35 -14.89
CA SER A 428 -6.06 11.02 -15.88
C SER A 428 -4.82 10.29 -15.35
N VAL A 429 -4.57 9.11 -15.90
CA VAL A 429 -3.43 8.27 -15.54
C VAL A 429 -2.60 8.18 -16.83
N TYR A 430 -1.42 8.79 -16.82
CA TYR A 430 -0.63 8.83 -18.03
C TYR A 430 0.89 8.80 -17.84
N PHE A 431 1.58 8.78 -18.97
CA PHE A 431 3.04 8.77 -19.02
C PHE A 431 3.51 10.04 -19.72
N ARG A 432 4.74 10.44 -19.42
CA ARG A 432 5.33 11.62 -20.07
C ARG A 432 6.82 11.27 -20.19
N ILE A 433 7.36 11.38 -21.39
CA ILE A 433 8.77 11.02 -21.61
C ILE A 433 9.68 12.24 -21.73
N PHE A 434 10.81 12.18 -21.04
CA PHE A 434 11.79 13.26 -21.07
C PHE A 434 13.13 12.69 -21.53
N LYS A 435 13.98 13.51 -22.11
CA LYS A 435 15.29 13.03 -22.52
C LYS A 435 16.24 13.38 -21.37
N ALA A 436 17.02 12.40 -20.90
CA ALA A 436 17.96 12.63 -19.79
C ALA A 436 18.77 13.91 -19.96
N ARG A 437 19.36 14.07 -21.13
CA ARG A 437 20.21 15.23 -21.43
C ARG A 437 20.13 15.48 -22.94
N GLN A 438 20.64 16.62 -23.38
CA GLN A 438 20.62 16.93 -24.81
C GLN A 438 21.40 15.91 -25.62
N ASN A 439 20.81 15.39 -26.69
CA ASN A 439 21.45 14.40 -27.55
C ASN A 439 21.68 13.07 -26.86
N SER A 440 21.24 12.96 -25.62
CA SER A 440 21.41 11.73 -24.85
C SER A 440 20.51 10.61 -25.38
N ASN A 441 20.85 9.37 -25.04
CA ASN A 441 20.05 8.22 -25.45
C ASN A 441 19.28 7.67 -24.27
N LYS A 442 19.55 8.22 -23.08
CA LYS A 442 18.86 7.81 -21.85
C LYS A 442 17.59 8.65 -21.69
N TYR A 443 16.50 8.01 -21.28
CA TYR A 443 15.23 8.70 -21.11
C TYR A 443 14.61 8.52 -19.73
N VAL A 444 13.88 9.54 -19.29
CA VAL A 444 13.22 9.52 -18.00
C VAL A 444 11.74 9.34 -18.25
N VAL A 445 11.15 8.31 -17.62
CA VAL A 445 9.73 8.04 -17.77
C VAL A 445 8.98 8.44 -16.51
N LEU A 446 8.05 9.37 -16.65
CA LEU A 446 7.26 9.87 -15.54
C LEU A 446 5.83 9.35 -15.59
N MET A 447 5.30 8.94 -14.44
CA MET A 447 3.91 8.45 -14.35
C MET A 447 3.11 9.42 -13.49
N CYS A 448 2.01 9.91 -14.03
CA CYS A 448 1.14 10.84 -13.34
C CYS A 448 -0.27 10.35 -13.13
N SER A 449 -0.84 10.74 -12.01
CA SER A 449 -2.21 10.43 -11.71
C SER A 449 -2.78 11.79 -11.36
N ASP A 450 -3.47 12.39 -12.34
CA ASP A 450 -4.04 13.72 -12.21
C ASP A 450 -5.54 13.70 -11.94
N GLN A 451 -5.93 14.22 -10.78
CA GLN A 451 -7.36 14.25 -10.43
C GLN A 451 -7.88 15.69 -10.27
N SER A 452 -7.22 16.62 -10.94
CA SER A 452 -7.61 18.03 -10.90
C SER A 452 -9.02 18.20 -11.48
N ARG A 453 -9.42 17.31 -12.38
CA ARG A 453 -10.74 17.41 -12.99
C ARG A 453 -11.56 16.16 -12.72
N SER A 454 -11.28 15.51 -11.60
CA SER A 454 -11.97 14.27 -11.25
C SER A 454 -13.42 14.42 -10.78
N SER A 455 -13.78 15.60 -10.29
CA SER A 455 -15.14 15.83 -9.81
C SER A 455 -15.57 17.29 -9.85
N LEU A 456 -16.86 17.50 -10.07
CA LEU A 456 -17.41 18.84 -10.10
C LEU A 456 -17.44 19.40 -8.68
N LYS A 457 -17.51 18.51 -7.70
CA LYS A 457 -17.53 18.94 -6.29
C LYS A 457 -16.13 19.44 -5.91
N GLU A 458 -16.04 20.66 -5.40
CA GLU A 458 -14.75 21.23 -5.05
C GLU A 458 -14.19 20.84 -3.69
N ASP A 459 -15.04 20.39 -2.78
CA ASP A 459 -14.55 20.01 -1.47
C ASP A 459 -13.66 18.77 -1.47
N ASN A 460 -13.64 18.03 -2.58
CA ASN A 460 -12.80 16.84 -2.66
C ASN A 460 -11.33 17.22 -2.83
N ASP A 461 -10.45 16.46 -2.19
CA ASP A 461 -9.01 16.68 -2.27
C ASP A 461 -8.54 16.14 -3.61
N LYS A 462 -8.25 17.03 -4.55
CA LYS A 462 -7.83 16.62 -5.88
C LYS A 462 -6.33 16.69 -6.13
N THR A 463 -5.55 16.50 -5.07
CA THR A 463 -4.09 16.51 -5.17
C THR A 463 -3.63 15.54 -6.27
N THR A 464 -2.63 15.94 -7.05
CA THR A 464 -2.11 15.09 -8.12
C THR A 464 -0.85 14.37 -7.66
N TYR A 465 -0.70 13.12 -8.10
CA TYR A 465 0.43 12.29 -7.71
C TYR A 465 1.34 11.97 -8.89
N GLY A 466 2.59 11.67 -8.57
CA GLY A 466 3.55 11.36 -9.60
C GLY A 466 4.67 10.47 -9.13
N ALA A 467 5.23 9.73 -10.08
CA ALA A 467 6.33 8.83 -9.77
C ALA A 467 7.10 8.50 -11.04
N PHE A 468 8.42 8.33 -10.88
CA PHE A 468 9.25 7.97 -12.00
C PHE A 468 9.09 6.46 -12.19
N VAL A 469 9.27 6.00 -13.43
CA VAL A 469 9.15 4.57 -13.71
C VAL A 469 10.47 4.08 -14.29
N ASP A 470 11.05 3.09 -13.63
CA ASP A 470 12.32 2.52 -14.05
C ASP A 470 12.15 1.57 -15.22
N ILE A 471 11.87 2.12 -16.39
CA ILE A 471 11.69 1.32 -17.60
C ILE A 471 12.25 2.07 -18.81
N ASN A 472 12.66 1.32 -19.84
CA ASN A 472 13.22 1.91 -21.05
C ASN A 472 12.16 2.17 -22.11
N PRO A 473 11.95 3.45 -22.46
CA PRO A 473 10.95 3.86 -23.46
C PRO A 473 11.15 3.18 -24.83
N HIS A 474 12.37 2.71 -25.10
CA HIS A 474 12.66 2.03 -26.36
C HIS A 474 11.77 0.80 -26.52
N GLN A 475 11.26 0.29 -25.40
CA GLN A 475 10.35 -0.86 -25.40
C GLN A 475 8.97 -0.32 -25.04
N PRO A 476 7.91 -1.06 -25.39
CA PRO A 476 6.53 -0.65 -25.10
C PRO A 476 6.31 -0.40 -23.61
N LEU A 477 5.65 0.71 -23.27
CA LEU A 477 5.38 1.07 -21.88
C LEU A 477 4.11 0.39 -21.38
N SER A 478 4.23 -0.31 -20.26
CA SER A 478 3.10 -1.02 -19.70
C SER A 478 2.36 -0.21 -18.65
N LEU A 479 1.03 -0.28 -18.68
CA LEU A 479 0.20 0.45 -17.73
C LEU A 479 -1.05 -0.33 -17.38
N ARG A 480 -1.35 -0.40 -16.09
CA ARG A 480 -2.55 -1.11 -15.63
C ARG A 480 -3.28 -0.24 -14.63
N ALA A 481 -4.61 -0.30 -14.66
CA ALA A 481 -5.42 0.48 -13.73
C ALA A 481 -6.64 -0.31 -13.28
N LEU A 482 -6.83 -0.39 -11.96
CA LEU A 482 -8.00 -1.04 -11.39
C LEU A 482 -8.93 0.12 -11.03
N ILE A 483 -10.11 0.13 -11.64
CA ILE A 483 -11.11 1.16 -11.45
C ILE A 483 -12.24 0.60 -10.59
N ASP A 484 -12.56 1.27 -9.48
CA ASP A 484 -13.62 0.77 -8.63
C ASP A 484 -14.42 1.89 -7.96
N HIS A 485 -15.21 2.57 -8.79
CA HIS A 485 -16.08 3.66 -8.38
C HIS A 485 -15.45 4.91 -7.79
N SER A 486 -14.73 4.79 -6.67
CA SER A 486 -14.11 5.95 -6.06
C SER A 486 -12.63 5.74 -5.78
N VAL A 487 -12.09 4.65 -6.29
CA VAL A 487 -10.68 4.36 -6.11
C VAL A 487 -10.07 3.90 -7.42
N VAL A 488 -8.86 4.35 -7.69
CA VAL A 488 -8.14 3.96 -8.88
C VAL A 488 -6.75 3.52 -8.45
N GLU A 489 -6.35 2.32 -8.86
CA GLU A 489 -5.02 1.80 -8.52
C GLU A 489 -4.28 1.64 -9.83
N SER A 490 -3.29 2.50 -10.05
CA SER A 490 -2.51 2.49 -11.27
C SER A 490 -1.14 1.85 -11.10
N PHE A 491 -0.80 0.97 -12.05
CA PHE A 491 0.47 0.28 -12.02
C PHE A 491 1.23 0.50 -13.31
N GLY A 492 2.37 1.16 -13.17
CA GLY A 492 3.20 1.44 -14.33
C GLY A 492 4.39 0.49 -14.41
N GLY A 493 4.77 0.15 -15.64
CA GLY A 493 5.90 -0.72 -15.85
C GLY A 493 5.80 -2.05 -15.12
N LYS A 494 4.64 -2.69 -15.23
CA LYS A 494 4.40 -3.98 -14.60
C LYS A 494 4.59 -3.98 -13.10
N GLY A 495 4.22 -2.87 -12.46
CA GLY A 495 4.33 -2.80 -11.02
C GLY A 495 5.56 -2.13 -10.47
N ARG A 496 6.33 -1.46 -11.32
CA ARG A 496 7.52 -0.76 -10.86
C ARG A 496 7.15 0.61 -10.29
N ALA A 497 5.92 1.06 -10.54
CA ALA A 497 5.42 2.33 -10.03
C ALA A 497 3.93 2.18 -9.77
N CYS A 498 3.52 2.43 -8.52
CA CYS A 498 2.12 2.28 -8.14
C CYS A 498 1.54 3.58 -7.61
N ILE A 499 0.32 3.90 -8.01
CA ILE A 499 -0.29 5.12 -7.51
C ILE A 499 -1.75 4.90 -7.23
N THR A 500 -2.13 5.06 -5.97
CA THR A 500 -3.53 4.89 -5.63
C THR A 500 -4.15 6.27 -5.38
N SER A 501 -5.33 6.51 -5.96
CA SER A 501 -6.01 7.79 -5.73
C SER A 501 -7.50 7.58 -5.48
N ARG A 502 -8.11 8.53 -4.78
CA ARG A 502 -9.53 8.45 -4.48
C ARG A 502 -10.20 9.66 -5.14
N VAL A 503 -11.24 9.40 -5.92
CA VAL A 503 -12.00 10.45 -6.62
C VAL A 503 -13.49 10.17 -6.41
N TYR A 504 -14.30 11.22 -6.44
CA TYR A 504 -15.75 11.12 -6.21
C TYR A 504 -16.51 11.92 -7.27
N PRO A 505 -16.49 11.46 -8.52
CA PRO A 505 -17.18 12.17 -9.60
C PRO A 505 -18.68 12.31 -9.38
N LYS A 506 -19.23 13.46 -9.76
CA LYS A 506 -20.65 13.71 -9.60
C LYS A 506 -21.44 13.16 -10.79
N LEU A 507 -20.78 13.05 -11.93
CA LEU A 507 -21.40 12.56 -13.17
C LEU A 507 -20.91 11.17 -13.57
N ALA A 508 -19.59 10.97 -13.55
CA ALA A 508 -19.02 9.68 -13.92
C ALA A 508 -19.26 8.66 -12.82
N ILE A 509 -20.52 8.28 -12.66
CA ILE A 509 -20.94 7.31 -11.65
C ILE A 509 -21.64 6.12 -12.30
N GLY A 510 -21.40 4.94 -11.75
CA GLY A 510 -22.02 3.74 -12.29
C GLY A 510 -21.93 3.58 -13.79
N LYS A 511 -23.10 3.48 -14.43
CA LYS A 511 -23.19 3.29 -15.87
C LYS A 511 -22.79 4.53 -16.66
N SER A 512 -22.86 5.70 -16.02
CA SER A 512 -22.51 6.94 -16.71
C SER A 512 -21.03 7.24 -16.74
N SER A 513 -20.20 6.30 -16.30
CA SER A 513 -18.75 6.52 -16.32
C SER A 513 -18.21 5.96 -17.62
N HIS A 514 -17.13 6.56 -18.09
CA HIS A 514 -16.51 6.11 -19.33
C HIS A 514 -15.00 5.91 -19.18
N LEU A 515 -14.43 5.16 -20.13
CA LEU A 515 -13.01 4.86 -20.16
C LEU A 515 -12.44 5.30 -21.52
N PHE A 516 -11.29 5.97 -21.49
CA PHE A 516 -10.66 6.47 -22.72
C PHE A 516 -9.17 6.26 -22.75
N ALA A 517 -8.62 6.16 -23.96
CA ALA A 517 -7.19 6.04 -24.16
C ALA A 517 -6.90 7.38 -24.85
N PHE A 518 -5.84 8.10 -24.45
CA PHE A 518 -5.59 9.40 -25.07
C PHE A 518 -4.12 9.75 -25.22
N ASN A 519 -3.86 10.75 -26.04
CA ASN A 519 -2.51 11.23 -26.30
C ASN A 519 -2.56 12.71 -26.63
N TYR A 520 -2.21 13.56 -25.66
CA TYR A 520 -2.23 15.00 -25.90
C TYR A 520 -0.84 15.52 -26.17
N GLY A 521 0.10 14.62 -26.48
CA GLY A 521 1.45 15.05 -26.77
C GLY A 521 1.59 15.45 -28.24
N TYR A 522 2.68 16.13 -28.57
CA TYR A 522 2.94 16.56 -29.95
C TYR A 522 3.20 15.37 -30.85
N GLN A 523 3.98 14.41 -30.37
CA GLN A 523 4.28 13.21 -31.15
C GLN A 523 3.18 12.17 -30.91
N SER A 524 2.64 11.61 -31.98
CA SER A 524 1.59 10.60 -31.83
C SER A 524 2.17 9.30 -31.25
N VAL A 525 1.35 8.57 -30.52
CA VAL A 525 1.77 7.31 -29.90
C VAL A 525 0.92 6.16 -30.43
N ASP A 526 1.44 4.94 -30.34
CA ASP A 526 0.73 3.78 -30.82
C ASP A 526 0.29 2.86 -29.68
N VAL A 527 -0.99 2.52 -29.67
CA VAL A 527 -1.53 1.63 -28.66
C VAL A 527 -1.44 0.21 -29.21
N LEU A 528 -0.34 -0.47 -28.88
CA LEU A 528 -0.11 -1.84 -29.33
C LEU A 528 -1.26 -2.75 -28.93
N ASN A 529 -1.66 -2.70 -27.67
CA ASN A 529 -2.75 -3.53 -27.19
C ASN A 529 -3.42 -2.94 -25.96
N LEU A 530 -4.70 -3.25 -25.80
CA LEU A 530 -5.47 -2.78 -24.66
C LEU A 530 -6.58 -3.76 -24.32
N ASN A 531 -6.60 -4.19 -23.07
CA ASN A 531 -7.61 -5.14 -22.58
C ASN A 531 -8.37 -4.51 -21.42
N ALA A 532 -9.68 -4.41 -21.57
CA ALA A 532 -10.54 -3.87 -20.53
C ALA A 532 -11.44 -5.01 -20.06
N TRP A 533 -11.34 -5.30 -18.77
CA TRP A 533 -12.12 -6.38 -18.15
C TRP A 533 -13.14 -5.80 -17.19
N SER A 534 -14.42 -6.08 -17.42
CA SER A 534 -15.44 -5.61 -16.47
C SER A 534 -15.12 -6.45 -15.24
N MET A 535 -15.21 -5.86 -14.06
CA MET A 535 -14.93 -6.60 -12.83
C MET A 535 -16.19 -6.89 -12.04
N ASN A 536 -16.42 -8.17 -11.76
CA ASN A 536 -17.58 -8.56 -10.97
C ASN A 536 -17.34 -8.18 -9.53
N SER A 537 -18.40 -7.82 -8.83
CA SER A 537 -18.29 -7.43 -7.43
C SER A 537 -17.94 -8.66 -6.61
N ALA A 538 -17.22 -8.44 -5.52
CA ALA A 538 -16.83 -9.52 -4.63
C ALA A 538 -17.70 -9.48 -3.38
N GLN A 539 -17.82 -10.60 -2.68
CA GLN A 539 -18.61 -10.66 -1.46
C GLN A 539 -17.67 -10.31 -0.31
N ILE A 540 -17.73 -9.05 0.12
CA ILE A 540 -16.86 -8.57 1.19
C ILE A 540 -17.57 -8.13 2.45
N SER A 541 -17.11 -8.69 3.57
CA SER A 541 -17.63 -8.48 4.92
C SER A 541 -18.98 -7.79 4.97
#